data_3ELM
#
_entry.id   3ELM
#
_cell.length_a   134.500
_cell.length_b   36.070
_cell.length_c   95.180
_cell.angle_alpha   90.000
_cell.angle_beta   130.530
_cell.angle_gamma   90.000
#
_symmetry.space_group_name_H-M   'C 1 2 1'
#
loop_
_entity.id
_entity.type
_entity.pdbx_description
1 polymer 'Collagenase 3'
2 non-polymer 'ZINC ION'
3 non-polymer 'CALCIUM ION'
4 non-polymer '(2R)-({[5-(4-ethoxyphenyl)thiophen-2-yl]sulfonyl}amino){1-[(1-methylethoxy)carbonyl]piperidin-4-yl}ethanoic acid'
5 water water
#
_entity_poly.entity_id   1
_entity_poly.type   'polypeptide(L)'
_entity_poly.pdbx_seq_one_letter_code
;YNVFPRTLKWSKMNLTYRIVNYTPDMTHSEVEKAFKKAFKVWSDVTPLNFTRLHDGIADIMISFGIKEHGDFYPFDGPSG
LLAHAFPPGPNYGGDAHFDDDETWTSSSKGYNLFLVAAHEFGHSLGLDHSKDPGALMFPIYTYTGKSHFMLPDDDVQGIQ
SLYGPGDEDPN
;
_entity_poly.pdbx_strand_id   A,B
#
# COMPACT_ATOMS: atom_id res chain seq x y z
N TYR A 1 -20.28 3.19 4.12
CA TYR A 1 -18.85 3.41 4.47
C TYR A 1 -18.07 2.10 4.43
N ASN A 2 -16.74 2.21 4.41
CA ASN A 2 -15.87 1.04 4.39
C ASN A 2 -14.60 1.32 5.20
N VAL A 3 -14.27 0.43 6.12
CA VAL A 3 -13.04 0.56 6.90
C VAL A 3 -12.05 -0.33 6.14
N PHE A 4 -10.75 -0.15 6.37
CA PHE A 4 -9.78 -0.99 5.68
C PHE A 4 -9.87 -2.43 6.20
N PRO A 5 -9.51 -3.42 5.35
CA PRO A 5 -9.57 -4.82 5.80
C PRO A 5 -8.51 -5.10 6.89
N ARG A 6 -8.73 -6.17 7.65
CA ARG A 6 -7.84 -6.55 8.76
C ARG A 6 -6.37 -6.85 8.42
N THR A 7 -6.13 -7.38 7.22
CA THR A 7 -4.76 -7.70 6.84
C THR A 7 -4.49 -7.22 5.43
N LEU A 8 -3.21 -7.06 5.09
CA LEU A 8 -2.84 -6.65 3.74
C LEU A 8 -3.15 -7.84 2.84
N LYS A 9 -4.02 -7.64 1.86
CA LYS A 9 -4.35 -8.71 0.93
C LYS A 9 -4.98 -8.09 -0.30
N TRP A 10 -4.99 -8.82 -1.41
CA TRP A 10 -5.62 -8.32 -2.63
C TRP A 10 -7.13 -8.46 -2.46
N SER A 11 -7.87 -7.44 -2.86
CA SER A 11 -9.33 -7.46 -2.72
C SER A 11 -10.02 -8.08 -3.92
N LYS A 12 -9.24 -8.73 -4.78
CA LYS A 12 -9.76 -9.38 -5.97
C LYS A 12 -9.00 -10.71 -6.13
N MET A 13 -9.68 -11.71 -6.69
CA MET A 13 -9.08 -13.03 -6.90
C MET A 13 -8.34 -13.13 -8.23
N ASN A 14 -8.68 -12.27 -9.18
CA ASN A 14 -8.03 -12.28 -10.49
C ASN A 14 -6.88 -11.28 -10.45
N LEU A 15 -5.65 -11.80 -10.48
CA LEU A 15 -4.46 -10.95 -10.45
C LEU A 15 -3.64 -11.15 -11.70
N THR A 16 -2.90 -10.11 -12.09
CA THR A 16 -2.06 -10.16 -13.27
C THR A 16 -0.61 -10.00 -12.86
N TYR A 17 0.29 -10.51 -13.71
CA TYR A 17 1.72 -10.35 -13.47
C TYR A 17 2.36 -10.11 -14.84
N ARG A 18 3.50 -9.43 -14.82
CA ARG A 18 4.22 -9.14 -16.05
C ARG A 18 5.69 -9.36 -15.79
N ILE A 19 6.36 -10.11 -16.65
CA ILE A 19 7.81 -10.33 -16.53
C ILE A 19 8.41 -9.16 -17.34
N VAL A 20 8.79 -8.09 -16.66
CA VAL A 20 9.32 -6.88 -17.28
C VAL A 20 10.61 -7.09 -18.06
N ASN A 21 11.52 -7.86 -17.48
CA ASN A 21 12.77 -8.15 -18.15
C ASN A 21 13.23 -9.54 -17.72
N TYR A 22 14.34 -10.00 -18.31
CA TYR A 22 14.84 -11.34 -18.06
C TYR A 22 16.30 -11.44 -17.65
N THR A 23 16.60 -12.46 -16.84
CA THR A 23 17.95 -12.71 -16.39
C THR A 23 18.78 -13.31 -17.51
N PRO A 24 20.09 -13.05 -17.51
CA PRO A 24 20.96 -13.62 -18.55
C PRO A 24 21.12 -15.14 -18.33
N ASP A 25 20.88 -15.58 -17.09
CA ASP A 25 21.14 -16.97 -16.67
C ASP A 25 20.32 -18.13 -17.22
N MET A 26 19.12 -17.84 -17.70
CA MET A 26 18.21 -18.86 -18.19
C MET A 26 17.50 -18.35 -19.44
N THR A 27 16.95 -19.27 -20.23
CA THR A 27 16.21 -18.86 -21.44
C THR A 27 14.92 -18.22 -21.02
N HIS A 28 14.29 -17.49 -21.94
CA HIS A 28 13.01 -16.86 -21.66
C HIS A 28 11.96 -17.90 -21.26
N SER A 29 11.91 -19.02 -21.97
CA SER A 29 10.91 -20.03 -21.63
C SER A 29 11.15 -20.66 -20.26
N GLU A 30 12.42 -20.85 -19.89
CA GLU A 30 12.73 -21.42 -18.56
C GLU A 30 12.23 -20.49 -17.45
N VAL A 31 12.46 -19.19 -17.64
CA VAL A 31 12.01 -18.18 -16.67
C VAL A 31 10.49 -18.18 -16.58
N GLU A 32 9.84 -18.19 -17.76
CA GLU A 32 8.38 -18.18 -17.81
C GLU A 32 7.81 -19.41 -17.11
N LYS A 33 8.42 -20.56 -17.35
CA LYS A 33 7.96 -21.80 -16.72
C LYS A 33 8.15 -21.78 -15.21
N ALA A 34 9.28 -21.24 -14.76
CA ALA A 34 9.56 -21.14 -13.33
C ALA A 34 8.53 -20.24 -12.64
N PHE A 35 8.22 -19.07 -13.22
CA PHE A 35 7.23 -18.20 -12.60
C PHE A 35 5.83 -18.80 -12.69
N LYS A 36 5.49 -19.40 -13.82
CA LYS A 36 4.16 -20.00 -13.96
C LYS A 36 3.93 -21.07 -12.86
N LYS A 37 4.95 -21.88 -12.63
CA LYS A 37 4.89 -22.92 -11.60
C LYS A 37 4.83 -22.33 -10.19
N ALA A 38 5.55 -21.23 -9.97
CA ALA A 38 5.58 -20.58 -8.66
C ALA A 38 4.21 -19.99 -8.33
N PHE A 39 3.51 -19.47 -9.34
CA PHE A 39 2.17 -18.94 -9.10
C PHE A 39 1.15 -20.07 -8.88
N LYS A 40 1.36 -21.20 -9.57
CA LYS A 40 0.43 -22.34 -9.46
C LYS A 40 0.48 -22.95 -8.04
N VAL A 41 1.62 -22.80 -7.40
CA VAL A 41 1.80 -23.30 -6.04
C VAL A 41 0.74 -22.66 -5.16
N TRP A 42 0.49 -21.38 -5.39
CA TRP A 42 -0.50 -20.65 -4.60
C TRP A 42 -1.91 -20.78 -5.13
N SER A 43 -2.07 -20.77 -6.46
CA SER A 43 -3.42 -20.87 -7.00
C SER A 43 -4.03 -22.28 -6.77
N ASP A 44 -3.18 -23.29 -6.61
CA ASP A 44 -3.68 -24.64 -6.37
C ASP A 44 -4.35 -24.83 -5.00
N VAL A 45 -4.17 -23.87 -4.08
CA VAL A 45 -4.76 -23.96 -2.75
C VAL A 45 -5.58 -22.76 -2.29
N THR A 46 -5.99 -21.92 -3.23
CA THR A 46 -6.81 -20.74 -2.95
C THR A 46 -7.70 -20.47 -4.18
N PRO A 47 -8.55 -19.44 -4.13
CA PRO A 47 -9.38 -19.14 -5.31
C PRO A 47 -8.61 -18.19 -6.25
N LEU A 48 -7.33 -17.94 -5.98
CA LEU A 48 -6.56 -17.03 -6.86
C LEU A 48 -6.33 -17.52 -8.29
N ASN A 49 -6.41 -16.58 -9.24
CA ASN A 49 -6.18 -16.87 -10.66
C ASN A 49 -5.19 -15.84 -11.14
N PHE A 50 -4.15 -16.28 -11.82
CA PHE A 50 -3.10 -15.38 -12.30
C PHE A 50 -3.06 -15.36 -13.81
N THR A 51 -3.04 -14.18 -14.40
CA THR A 51 -2.95 -14.07 -15.84
C THR A 51 -1.71 -13.24 -16.19
N ARG A 52 -0.88 -13.77 -17.08
CA ARG A 52 0.31 -13.08 -17.50
C ARG A 52 0.00 -11.98 -18.53
N LEU A 53 0.58 -10.80 -18.30
CA LEU A 53 0.44 -9.65 -19.19
C LEU A 53 1.80 -9.49 -19.86
N HIS A 54 1.83 -9.17 -21.14
CA HIS A 54 3.12 -9.01 -21.80
C HIS A 54 3.63 -7.58 -21.73
N ASP A 55 2.72 -6.64 -21.47
CA ASP A 55 3.09 -5.24 -21.39
C ASP A 55 2.10 -4.52 -20.49
N GLY A 56 2.31 -3.23 -20.28
CA GLY A 56 1.39 -2.47 -19.45
C GLY A 56 1.57 -2.69 -17.96
N ILE A 57 0.56 -2.29 -17.20
CA ILE A 57 0.62 -2.40 -15.75
C ILE A 57 -0.07 -3.64 -15.23
N ALA A 58 0.70 -4.50 -14.58
CA ALA A 58 0.18 -5.72 -13.97
C ALA A 58 0.18 -5.51 -12.46
N ASP A 59 -0.63 -6.30 -11.75
CA ASP A 59 -0.69 -6.19 -10.31
C ASP A 59 0.68 -6.53 -9.75
N ILE A 60 1.25 -7.61 -10.26
CA ILE A 60 2.57 -8.08 -9.83
C ILE A 60 3.62 -7.87 -10.92
N MET A 61 4.41 -6.81 -10.81
CA MET A 61 5.44 -6.51 -11.81
C MET A 61 6.72 -7.21 -11.39
N ILE A 62 7.23 -8.09 -12.25
CA ILE A 62 8.42 -8.85 -11.95
C ILE A 62 9.63 -8.36 -12.72
N SER A 63 10.75 -8.14 -12.03
CA SER A 63 11.94 -7.71 -12.77
C SER A 63 13.23 -8.19 -12.14
N PHE A 64 14.28 -8.16 -12.94
CA PHE A 64 15.63 -8.55 -12.53
C PHE A 64 16.48 -7.28 -12.58
N GLY A 65 17.26 -7.02 -11.54
CA GLY A 65 18.10 -5.84 -11.54
C GLY A 65 19.22 -6.02 -10.55
N ILE A 66 20.13 -5.04 -10.48
CA ILE A 66 21.23 -5.09 -9.55
C ILE A 66 21.34 -3.76 -8.81
N LYS A 67 22.00 -3.80 -7.67
CA LYS A 67 22.21 -2.62 -6.84
C LYS A 67 20.96 -1.73 -6.74
N GLU A 68 21.10 -0.44 -7.03
CA GLU A 68 19.93 0.43 -6.97
C GLU A 68 19.08 0.11 -8.20
N HIS A 69 17.80 -0.17 -7.98
CA HIS A 69 16.94 -0.51 -9.11
C HIS A 69 15.56 0.16 -9.06
N GLY A 70 15.41 1.21 -8.26
CA GLY A 70 14.14 1.92 -8.23
C GLY A 70 13.30 1.90 -6.97
N ASP A 71 13.89 1.52 -5.85
CA ASP A 71 13.14 1.51 -4.59
C ASP A 71 14.10 1.70 -3.42
N PHE A 72 13.62 1.57 -2.19
CA PHE A 72 14.48 1.77 -1.02
C PHE A 72 15.26 0.53 -0.59
N TYR A 73 15.26 -0.49 -1.43
CA TYR A 73 15.96 -1.72 -1.07
C TYR A 73 16.95 -2.14 -2.13
N PRO A 74 18.05 -1.38 -2.25
CA PRO A 74 19.07 -1.72 -3.26
C PRO A 74 19.65 -3.10 -3.02
N PHE A 75 19.99 -3.80 -4.11
CA PHE A 75 20.59 -5.11 -3.98
C PHE A 75 22.06 -4.94 -3.64
N ASP A 76 22.73 -6.05 -3.34
CA ASP A 76 24.09 -5.97 -2.82
C ASP A 76 25.17 -6.78 -3.47
N GLY A 77 25.03 -7.08 -4.76
CA GLY A 77 26.03 -7.88 -5.41
C GLY A 77 25.78 -9.36 -5.10
N PRO A 78 26.71 -10.23 -5.50
CA PRO A 78 26.61 -11.68 -5.30
C PRO A 78 26.34 -12.03 -3.83
N SER A 79 25.48 -13.02 -3.62
CA SER A 79 25.12 -13.47 -2.27
C SER A 79 24.41 -12.39 -1.48
N GLY A 80 24.19 -12.66 -0.19
CA GLY A 80 23.48 -11.71 0.65
C GLY A 80 22.02 -11.74 0.21
N LEU A 81 21.44 -10.55 0.02
CA LEU A 81 20.05 -10.40 -0.43
C LEU A 81 19.90 -11.10 -1.79
N LEU A 82 18.82 -11.86 -1.96
CA LEU A 82 18.57 -12.61 -3.21
C LEU A 82 17.45 -12.01 -4.05
N ALA A 83 16.43 -11.47 -3.37
CA ALA A 83 15.25 -10.95 -4.04
C ALA A 83 14.37 -10.42 -2.95
N HIS A 84 13.30 -9.71 -3.32
CA HIS A 84 12.34 -9.20 -2.34
C HIS A 84 11.06 -8.87 -3.06
N ALA A 85 9.97 -8.79 -2.31
CA ALA A 85 8.69 -8.49 -2.94
C ALA A 85 7.93 -7.67 -1.96
N PHE A 86 7.07 -6.81 -2.49
CA PHE A 86 6.25 -5.94 -1.68
C PHE A 86 4.88 -6.55 -1.41
N PRO A 87 4.35 -6.31 -0.21
CA PRO A 87 3.03 -6.84 0.16
C PRO A 87 1.94 -6.21 -0.71
N PRO A 88 0.76 -6.83 -0.73
CA PRO A 88 -0.36 -6.33 -1.54
C PRO A 88 -0.62 -4.84 -1.32
N GLY A 89 -0.87 -4.16 -2.43
CA GLY A 89 -1.13 -2.73 -2.38
C GLY A 89 -0.95 -2.11 -3.74
N PRO A 90 -1.32 -0.82 -3.88
CA PRO A 90 -1.18 -0.09 -5.15
C PRO A 90 0.28 0.10 -5.55
N ASN A 91 0.50 0.48 -6.80
CA ASN A 91 1.85 0.72 -7.36
C ASN A 91 2.84 -0.42 -7.15
N TYR A 92 3.90 -0.16 -6.41
CA TYR A 92 4.89 -1.21 -6.19
C TYR A 92 4.39 -2.36 -5.31
N GLY A 93 3.20 -2.21 -4.74
CA GLY A 93 2.65 -3.29 -3.93
C GLY A 93 2.59 -4.56 -4.79
N GLY A 94 2.94 -5.70 -4.20
CA GLY A 94 2.94 -6.95 -4.93
C GLY A 94 4.10 -7.22 -5.87
N ASP A 95 4.88 -6.20 -6.23
CA ASP A 95 5.97 -6.42 -7.16
C ASP A 95 7.10 -7.27 -6.55
N ALA A 96 7.79 -8.00 -7.41
CA ALA A 96 8.88 -8.89 -7.02
C ALA A 96 10.14 -8.57 -7.83
N HIS A 97 11.25 -8.36 -7.12
CA HIS A 97 12.52 -8.03 -7.74
C HIS A 97 13.53 -9.12 -7.41
N PHE A 98 14.31 -9.52 -8.40
CA PHE A 98 15.32 -10.56 -8.22
C PHE A 98 16.70 -9.97 -8.49
N ASP A 99 17.65 -10.27 -7.60
CA ASP A 99 19.01 -9.75 -7.73
C ASP A 99 19.74 -10.46 -8.84
N ASP A 100 19.99 -9.79 -9.96
CA ASP A 100 20.66 -10.50 -11.04
C ASP A 100 22.15 -10.68 -10.85
N ASP A 101 22.68 -10.29 -9.71
CA ASP A 101 24.07 -10.58 -9.44
C ASP A 101 24.15 -12.03 -8.88
N GLU A 102 22.98 -12.65 -8.64
CA GLU A 102 22.96 -14.06 -8.21
C GLU A 102 22.86 -14.88 -9.50
N THR A 103 23.16 -16.17 -9.43
CA THR A 103 23.06 -17.03 -10.61
C THR A 103 21.76 -17.79 -10.48
N TRP A 104 20.79 -17.45 -11.32
CA TRP A 104 19.49 -18.08 -11.30
C TRP A 104 19.47 -19.35 -12.14
N THR A 105 18.85 -20.40 -11.62
CA THR A 105 18.84 -21.67 -12.33
C THR A 105 17.52 -22.41 -12.21
N SER A 106 17.43 -23.49 -12.98
CA SER A 106 16.28 -24.39 -12.96
C SER A 106 16.88 -25.70 -12.44
N SER A 107 17.85 -25.58 -11.54
CA SER A 107 18.49 -26.75 -10.95
C SER A 107 18.80 -26.52 -9.48
N SER A 108 19.70 -27.35 -8.95
CA SER A 108 20.13 -27.30 -7.56
C SER A 108 21.33 -26.37 -7.42
N LYS A 109 21.89 -25.93 -8.54
CA LYS A 109 23.05 -25.05 -8.53
C LYS A 109 22.59 -23.61 -8.34
N GLY A 110 23.49 -22.71 -7.94
CA GLY A 110 23.13 -21.32 -7.72
C GLY A 110 21.85 -21.21 -6.90
N TYR A 111 20.91 -20.36 -7.32
CA TYR A 111 19.63 -20.24 -6.60
C TYR A 111 18.52 -20.65 -7.54
N ASN A 112 17.68 -21.59 -7.12
CA ASN A 112 16.59 -22.06 -7.98
C ASN A 112 15.54 -20.96 -8.13
N LEU A 113 15.35 -20.48 -9.36
CA LEU A 113 14.40 -19.39 -9.59
C LEU A 113 12.98 -19.74 -9.17
N PHE A 114 12.52 -20.95 -9.52
CA PHE A 114 11.18 -21.35 -9.12
C PHE A 114 10.96 -21.27 -7.60
N LEU A 115 11.89 -21.82 -6.83
CA LEU A 115 11.75 -21.82 -5.38
C LEU A 115 11.79 -20.42 -4.77
N VAL A 116 12.72 -19.59 -5.21
CA VAL A 116 12.81 -18.24 -4.66
C VAL A 116 11.57 -17.45 -5.04
N ALA A 117 11.13 -17.60 -6.30
CA ALA A 117 9.94 -16.91 -6.76
C ALA A 117 8.70 -17.35 -5.98
N ALA A 118 8.56 -18.65 -5.73
CA ALA A 118 7.37 -19.13 -5.00
C ALA A 118 7.31 -18.43 -3.65
N HIS A 119 8.46 -18.32 -3.00
CA HIS A 119 8.61 -17.64 -1.70
C HIS A 119 8.26 -16.14 -1.86
N GLU A 120 8.85 -15.49 -2.86
CA GLU A 120 8.58 -14.08 -3.06
C GLU A 120 7.09 -13.80 -3.35
N PHE A 121 6.45 -14.66 -4.15
CA PHE A 121 5.04 -14.45 -4.44
C PHE A 121 4.20 -14.64 -3.17
N GLY A 122 4.68 -15.42 -2.20
CA GLY A 122 3.95 -15.52 -0.96
C GLY A 122 3.88 -14.11 -0.34
N HIS A 123 5.00 -13.38 -0.38
CA HIS A 123 5.04 -12.02 0.14
C HIS A 123 4.11 -11.13 -0.70
N SER A 124 4.19 -11.28 -2.01
CA SER A 124 3.36 -10.49 -2.93
C SER A 124 1.87 -10.66 -2.61
N LEU A 125 1.53 -11.81 -2.05
CA LEU A 125 0.13 -12.12 -1.73
C LEU A 125 -0.28 -11.83 -0.30
N GLY A 126 0.68 -11.47 0.57
CA GLY A 126 0.32 -11.15 1.93
C GLY A 126 0.94 -11.96 3.06
N LEU A 127 1.83 -12.90 2.76
CA LEU A 127 2.46 -13.69 3.81
C LEU A 127 3.82 -13.11 4.18
N ASP A 128 4.10 -13.07 5.48
CA ASP A 128 5.38 -12.62 5.96
C ASP A 128 6.10 -13.93 6.24
N HIS A 129 7.18 -13.88 7.02
CA HIS A 129 7.95 -15.10 7.30
C HIS A 129 7.36 -16.01 8.38
N SER A 130 7.68 -17.29 8.28
CA SER A 130 7.21 -18.34 9.20
C SER A 130 8.35 -18.79 10.10
N LYS A 131 8.03 -19.26 11.31
CA LYS A 131 9.06 -19.77 12.23
C LYS A 131 9.34 -21.23 11.90
N ASP A 132 8.46 -21.84 11.09
CA ASP A 132 8.61 -23.24 10.71
C ASP A 132 9.77 -23.41 9.72
N PRO A 133 10.85 -24.12 10.12
CA PRO A 133 12.02 -24.35 9.23
C PRO A 133 11.72 -25.16 7.96
N GLY A 134 10.56 -25.79 7.92
CA GLY A 134 10.20 -26.56 6.74
C GLY A 134 9.24 -25.82 5.84
N ALA A 135 8.86 -24.62 6.25
CA ALA A 135 7.91 -23.81 5.48
C ALA A 135 8.57 -23.07 4.32
N LEU A 136 7.80 -22.87 3.25
CA LEU A 136 8.31 -22.17 2.09
C LEU A 136 8.61 -20.72 2.52
N MET A 137 7.77 -20.19 3.42
CA MET A 137 7.98 -18.82 3.89
C MET A 137 9.00 -18.67 5.03
N PHE A 138 9.80 -19.71 5.28
CA PHE A 138 10.87 -19.65 6.28
C PHE A 138 11.80 -18.60 5.66
N PRO A 139 12.44 -17.74 6.47
CA PRO A 139 13.32 -16.71 5.92
C PRO A 139 14.68 -17.05 5.31
N ILE A 140 15.05 -18.32 5.28
CA ILE A 140 16.34 -18.73 4.75
C ILE A 140 16.21 -19.76 3.66
N TYR A 141 16.87 -19.49 2.53
CA TYR A 141 16.81 -20.38 1.37
C TYR A 141 17.50 -21.73 1.58
N THR A 142 16.81 -22.81 1.23
CA THR A 142 17.39 -24.16 1.26
C THR A 142 16.75 -24.85 0.06
N TYR A 143 17.54 -25.58 -0.71
CA TYR A 143 17.01 -26.23 -1.90
C TYR A 143 16.36 -27.59 -1.64
N PHE A 149 7.30 -30.70 -6.16
CA PHE A 149 7.27 -29.76 -5.03
C PHE A 149 5.90 -29.76 -4.39
N MET A 150 5.87 -29.82 -3.06
CA MET A 150 4.60 -29.78 -2.35
C MET A 150 4.60 -28.64 -1.35
N LEU A 151 3.69 -27.68 -1.52
CA LEU A 151 3.59 -26.55 -0.60
C LEU A 151 3.40 -27.07 0.83
N PRO A 152 4.29 -26.69 1.74
CA PRO A 152 4.20 -27.12 3.14
C PRO A 152 2.88 -26.72 3.78
N ASP A 153 2.43 -27.48 4.77
CA ASP A 153 1.15 -27.16 5.40
C ASP A 153 1.07 -25.81 6.06
N ASP A 154 2.17 -25.36 6.67
CA ASP A 154 2.12 -24.04 7.31
C ASP A 154 1.81 -22.94 6.28
N ASP A 155 2.38 -23.05 5.08
CA ASP A 155 2.14 -22.05 4.04
C ASP A 155 0.70 -22.17 3.51
N VAL A 156 0.17 -23.41 3.46
CA VAL A 156 -1.22 -23.60 3.03
C VAL A 156 -2.16 -22.92 4.04
N GLN A 157 -1.93 -23.15 5.34
CA GLN A 157 -2.79 -22.53 6.35
C GLN A 157 -2.69 -21.01 6.30
N GLY A 158 -1.49 -20.52 6.06
CA GLY A 158 -1.29 -19.09 6.00
C GLY A 158 -2.02 -18.44 4.82
N ILE A 159 -1.79 -18.96 3.63
CA ILE A 159 -2.41 -18.37 2.46
C ILE A 159 -3.94 -18.51 2.48
N GLN A 160 -4.46 -19.63 2.99
CA GLN A 160 -5.92 -19.80 3.03
C GLN A 160 -6.58 -18.92 4.11
N SER A 161 -5.82 -18.53 5.13
CA SER A 161 -6.39 -17.66 6.16
C SER A 161 -6.69 -16.30 5.53
N LEU A 162 -6.00 -15.99 4.43
CA LEU A 162 -6.21 -14.73 3.73
C LEU A 162 -7.24 -14.83 2.60
N TYR A 163 -7.15 -15.88 1.80
CA TYR A 163 -8.02 -16.02 0.63
C TYR A 163 -9.01 -17.17 0.58
N GLY A 164 -9.00 -18.03 1.58
CA GLY A 164 -9.90 -19.17 1.53
C GLY A 164 -9.21 -20.25 0.71
N PRO A 165 -9.78 -21.46 0.64
CA PRO A 165 -9.19 -22.59 -0.09
C PRO A 165 -9.49 -22.73 -1.59
N GLY A 166 -10.47 -21.99 -2.10
CA GLY A 166 -10.81 -22.15 -3.50
C GLY A 166 -11.43 -23.54 -3.58
N ASP A 167 -11.34 -24.20 -4.73
CA ASP A 167 -11.91 -25.54 -4.88
C ASP A 167 -10.99 -26.50 -4.13
N GLU A 168 -11.54 -27.16 -3.11
CA GLU A 168 -10.77 -28.09 -2.30
C GLU A 168 -10.46 -29.40 -2.99
N ASP A 169 -11.11 -29.64 -4.13
CA ASP A 169 -10.86 -30.86 -4.89
C ASP A 169 -9.39 -30.94 -5.34
N TYR B 1 2.88 -19.51 10.68
CA TYR B 1 2.91 -18.50 9.58
C TYR B 1 2.63 -17.12 10.15
N ASN B 2 2.83 -16.09 9.33
CA ASN B 2 2.51 -14.73 9.73
C ASN B 2 1.99 -14.02 8.50
N VAL B 3 1.02 -13.15 8.71
CA VAL B 3 0.49 -12.34 7.61
C VAL B 3 0.94 -10.93 7.96
N PHE B 4 0.47 -9.94 7.21
CA PHE B 4 0.81 -8.55 7.49
C PHE B 4 -0.44 -7.93 8.11
N PRO B 5 -0.57 -8.03 9.44
CA PRO B 5 -1.76 -7.45 10.06
C PRO B 5 -1.79 -5.93 9.91
N ARG B 6 -2.99 -5.39 9.68
CA ARG B 6 -3.14 -3.96 9.51
C ARG B 6 -3.67 -3.32 10.78
N THR B 7 -3.16 -2.13 11.07
CA THR B 7 -3.60 -1.38 12.24
C THR B 7 -4.94 -0.81 11.83
N LEU B 8 -6.02 -1.37 12.36
CA LEU B 8 -7.37 -0.93 11.99
C LEU B 8 -7.70 0.48 12.45
N LYS B 9 -7.11 0.89 13.56
CA LYS B 9 -7.35 2.22 14.11
C LYS B 9 -6.26 2.62 15.07
N TRP B 10 -6.16 3.93 15.35
CA TRP B 10 -5.15 4.41 16.29
C TRP B 10 -5.54 3.91 17.68
N SER B 11 -4.57 3.38 18.42
CA SER B 11 -4.82 2.84 19.75
C SER B 11 -4.92 3.89 20.85
N LYS B 12 -4.68 5.15 20.49
CA LYS B 12 -4.77 6.25 21.44
C LYS B 12 -5.71 7.25 20.79
N MET B 13 -6.40 8.04 21.60
CA MET B 13 -7.34 9.03 21.08
C MET B 13 -6.70 10.41 20.89
N ASN B 14 -5.53 10.62 21.48
CA ASN B 14 -4.86 11.91 21.35
C ASN B 14 -3.76 11.79 20.31
N LEU B 15 -3.99 12.39 19.15
CA LEU B 15 -3.01 12.32 18.07
C LEU B 15 -2.30 13.65 17.83
N THR B 16 -1.12 13.59 17.24
CA THR B 16 -0.38 14.81 16.93
C THR B 16 -0.19 14.91 15.43
N TYR B 17 -0.06 16.13 14.93
CA TYR B 17 0.21 16.32 13.52
C TYR B 17 1.21 17.45 13.42
N ARG B 18 1.89 17.50 12.28
CA ARG B 18 2.88 18.54 12.01
C ARG B 18 2.80 18.94 10.55
N ILE B 19 2.77 20.24 10.28
CA ILE B 19 2.74 20.74 8.91
C ILE B 19 4.21 20.98 8.61
N VAL B 20 4.79 20.04 7.87
CA VAL B 20 6.21 20.06 7.54
C VAL B 20 6.63 21.20 6.62
N ASN B 21 5.79 21.48 5.62
CA ASN B 21 6.08 22.57 4.70
C ASN B 21 4.77 23.13 4.17
N TYR B 22 4.87 24.17 3.34
CA TYR B 22 3.66 24.85 2.88
C TYR B 22 3.58 25.08 1.39
N THR B 23 2.35 25.12 0.89
CA THR B 23 2.13 25.37 -0.52
C THR B 23 2.29 26.86 -0.83
N PRO B 24 2.70 27.17 -2.07
CA PRO B 24 2.88 28.56 -2.51
C PRO B 24 1.50 29.20 -2.71
N ASP B 25 0.48 28.37 -2.87
CA ASP B 25 -0.87 28.87 -3.21
C ASP B 25 -1.71 29.59 -2.16
N MET B 26 -1.38 29.41 -0.89
CA MET B 26 -2.17 30.01 0.18
C MET B 26 -1.23 30.55 1.24
N THR B 27 -1.74 31.39 2.15
CA THR B 27 -0.88 31.90 3.22
C THR B 27 -0.70 30.80 4.25
N HIS B 28 0.33 30.94 5.09
CA HIS B 28 0.58 29.96 6.15
C HIS B 28 -0.69 29.84 7.00
N SER B 29 -1.24 31.00 7.36
CA SER B 29 -2.44 31.08 8.17
C SER B 29 -3.62 30.35 7.51
N GLU B 30 -3.81 30.56 6.21
CA GLU B 30 -4.89 29.88 5.50
C GLU B 30 -4.70 28.35 5.51
N VAL B 31 -3.46 27.92 5.34
CA VAL B 31 -3.15 26.50 5.34
C VAL B 31 -3.43 25.92 6.72
N GLU B 32 -2.94 26.59 7.76
CA GLU B 32 -3.15 26.13 9.12
C GLU B 32 -4.62 26.01 9.47
N LYS B 33 -5.42 26.99 9.03
CA LYS B 33 -6.84 26.96 9.32
C LYS B 33 -7.56 25.81 8.60
N ALA B 34 -7.17 25.57 7.36
CA ALA B 34 -7.77 24.50 6.56
C ALA B 34 -7.49 23.15 7.21
N PHE B 35 -6.26 22.94 7.66
CA PHE B 35 -5.96 21.65 8.27
C PHE B 35 -6.66 21.50 9.63
N LYS B 36 -6.68 22.57 10.42
CA LYS B 36 -7.33 22.52 11.74
C LYS B 36 -8.81 22.15 11.57
N LYS B 37 -9.45 22.79 10.60
CA LYS B 37 -10.86 22.56 10.32
C LYS B 37 -11.06 21.12 9.83
N ALA B 38 -10.15 20.63 9.00
CA ALA B 38 -10.23 19.26 8.48
C ALA B 38 -10.15 18.22 9.60
N PHE B 39 -9.26 18.44 10.57
CA PHE B 39 -9.16 17.51 11.70
C PHE B 39 -10.42 17.58 12.58
N LYS B 40 -10.96 18.78 12.72
CA LYS B 40 -12.14 19.01 13.56
C LYS B 40 -13.36 18.28 13.02
N VAL B 41 -13.41 18.10 11.71
CA VAL B 41 -14.50 17.36 11.08
C VAL B 41 -14.62 15.98 11.80
N TRP B 42 -13.47 15.35 12.03
CA TRP B 42 -13.42 14.04 12.66
C TRP B 42 -13.44 14.03 14.18
N SER B 43 -12.75 14.98 14.79
CA SER B 43 -12.70 15.07 16.24
C SER B 43 -14.05 15.49 16.82
N ASP B 44 -14.84 16.22 16.04
CA ASP B 44 -16.15 16.68 16.50
C ASP B 44 -17.11 15.52 16.77
N VAL B 45 -16.94 14.42 16.06
CA VAL B 45 -17.87 13.29 16.21
C VAL B 45 -17.28 12.03 16.80
N THR B 46 -16.13 12.17 17.44
CA THR B 46 -15.43 11.04 18.09
C THR B 46 -14.66 11.55 19.31
N PRO B 47 -14.01 10.62 20.04
CA PRO B 47 -13.22 10.96 21.22
C PRO B 47 -11.83 11.40 20.79
N LEU B 48 -11.59 11.44 19.49
CA LEU B 48 -10.28 11.84 18.97
C LEU B 48 -9.98 13.31 19.24
N ASN B 49 -8.69 13.61 19.45
CA ASN B 49 -8.25 14.99 19.66
C ASN B 49 -6.94 15.12 18.91
N PHE B 50 -6.71 16.28 18.31
CA PHE B 50 -5.47 16.51 17.57
C PHE B 50 -4.68 17.68 18.13
N THR B 51 -3.37 17.51 18.18
CA THR B 51 -2.47 18.52 18.71
C THR B 51 -1.42 18.79 17.66
N ARG B 52 -1.15 20.07 17.38
CA ARG B 52 -0.16 20.43 16.38
C ARG B 52 1.24 20.57 16.99
N LEU B 53 2.21 19.91 16.37
CA LEU B 53 3.59 20.02 16.83
C LEU B 53 4.30 20.82 15.75
N HIS B 54 5.29 21.60 16.16
CA HIS B 54 6.05 22.43 15.21
C HIS B 54 7.41 21.84 14.84
N ASP B 55 7.87 20.85 15.60
CA ASP B 55 9.17 20.21 15.34
C ASP B 55 9.04 18.72 15.67
N GLY B 56 9.99 17.94 15.18
CA GLY B 56 10.01 16.52 15.47
C GLY B 56 8.99 15.67 14.74
N ILE B 57 8.82 14.44 15.24
CA ILE B 57 7.89 13.52 14.63
C ILE B 57 6.53 13.58 15.31
N ALA B 58 5.51 13.68 14.48
CA ALA B 58 4.13 13.71 14.93
C ALA B 58 3.50 12.46 14.31
N ASP B 59 2.35 12.02 14.82
CA ASP B 59 1.69 10.83 14.26
C ASP B 59 1.34 11.06 12.79
N ILE B 60 0.77 12.21 12.51
CA ILE B 60 0.36 12.54 11.14
C ILE B 60 1.25 13.64 10.58
N MET B 61 2.21 13.25 9.74
CA MET B 61 3.13 14.22 9.13
C MET B 61 2.50 14.71 7.83
N ILE B 62 2.34 16.02 7.72
CA ILE B 62 1.72 16.60 6.54
C ILE B 62 2.71 17.37 5.71
N SER B 63 2.69 17.14 4.40
CA SER B 63 3.60 17.87 3.53
C SER B 63 3.09 18.01 2.11
N PHE B 64 3.66 18.99 1.40
CA PHE B 64 3.31 19.24 0.01
C PHE B 64 4.51 18.86 -0.82
N GLY B 65 4.28 18.22 -1.97
CA GLY B 65 5.38 17.84 -2.82
C GLY B 65 4.90 17.57 -4.24
N ILE B 66 5.84 17.36 -5.15
CA ILE B 66 5.48 17.07 -6.54
C ILE B 66 6.27 15.86 -7.05
N LYS B 67 5.72 15.21 -8.07
CA LYS B 67 6.35 14.05 -8.69
C LYS B 67 6.89 13.07 -7.64
N GLU B 68 8.14 12.59 -7.79
CA GLU B 68 8.67 11.65 -6.80
C GLU B 68 9.13 12.48 -5.59
N HIS B 69 8.51 12.23 -4.45
CA HIS B 69 8.76 13.02 -3.26
C HIS B 69 9.18 12.28 -1.99
N GLY B 70 9.67 11.05 -2.14
CA GLY B 70 10.16 10.33 -0.98
C GLY B 70 9.51 9.03 -0.58
N ASP B 71 8.47 8.59 -1.29
CA ASP B 71 7.82 7.33 -0.91
C ASP B 71 7.55 6.40 -2.08
N PHE B 72 8.07 6.76 -3.25
CA PHE B 72 7.88 5.99 -4.47
C PHE B 72 6.41 5.82 -4.93
N TYR B 73 5.55 6.74 -4.48
CA TYR B 73 4.14 6.81 -4.92
C TYR B 73 4.17 8.24 -5.50
N PRO B 74 4.84 8.42 -6.64
CA PRO B 74 4.92 9.76 -7.21
C PRO B 74 3.64 10.44 -7.66
N PHE B 75 3.63 11.76 -7.55
CA PHE B 75 2.48 12.53 -7.99
C PHE B 75 2.66 12.70 -9.49
N ASP B 76 1.68 13.29 -10.12
CA ASP B 76 1.65 13.33 -11.57
C ASP B 76 1.42 14.67 -12.25
N GLY B 77 1.77 15.78 -11.61
CA GLY B 77 1.52 17.06 -12.25
C GLY B 77 0.09 17.49 -12.03
N PRO B 78 -0.39 18.53 -12.74
CA PRO B 78 -1.75 19.04 -12.61
C PRO B 78 -2.77 17.94 -12.85
N SER B 79 -3.82 17.94 -12.04
CA SER B 79 -4.91 16.97 -12.11
C SER B 79 -4.53 15.52 -11.80
N GLY B 80 -5.44 14.60 -12.09
CA GLY B 80 -5.17 13.20 -11.80
C GLY B 80 -5.09 13.07 -10.28
N LEU B 81 -4.00 12.49 -9.79
CA LEU B 81 -3.80 12.33 -8.35
C LEU B 81 -3.74 13.70 -7.65
N LEU B 82 -4.49 13.86 -6.57
CA LEU B 82 -4.52 15.13 -5.82
C LEU B 82 -3.67 15.10 -4.56
N ALA B 83 -3.70 13.95 -3.89
CA ALA B 83 -3.00 13.76 -2.62
C ALA B 83 -3.21 12.31 -2.20
N HIS B 84 -2.45 11.86 -1.21
CA HIS B 84 -2.63 10.50 -0.70
C HIS B 84 -2.23 10.46 0.76
N ALA B 85 -2.70 9.46 1.50
CA ALA B 85 -2.38 9.36 2.90
C ALA B 85 -2.29 7.89 3.23
N PHE B 86 -1.48 7.56 4.23
CA PHE B 86 -1.28 6.19 4.67
C PHE B 86 -2.21 5.83 5.82
N PRO B 87 -2.70 4.58 5.86
CA PRO B 87 -3.61 4.21 6.96
C PRO B 87 -2.86 4.23 8.31
N PRO B 88 -3.60 4.09 9.43
CA PRO B 88 -3.01 4.10 10.77
C PRO B 88 -1.81 3.17 10.93
N GLY B 89 -0.83 3.64 11.70
CA GLY B 89 0.36 2.85 11.94
C GLY B 89 1.57 3.71 12.20
N PRO B 90 2.72 3.08 12.52
CA PRO B 90 3.97 3.81 12.79
C PRO B 90 4.61 4.35 11.53
N ASN B 91 5.60 5.22 11.72
CA ASN B 91 6.35 5.79 10.60
C ASN B 91 5.46 6.56 9.62
N TYR B 92 5.44 6.13 8.36
CA TYR B 92 4.62 6.81 7.36
C TYR B 92 3.11 6.65 7.63
N GLY B 93 2.74 5.71 8.49
CA GLY B 93 1.35 5.50 8.83
C GLY B 93 0.71 6.82 9.27
N GLY B 94 -0.46 7.11 8.70
CA GLY B 94 -1.16 8.33 9.04
C GLY B 94 -0.72 9.57 8.25
N ASP B 95 0.46 9.54 7.64
CA ASP B 95 0.96 10.72 6.94
C ASP B 95 0.11 11.08 5.72
N ALA B 96 0.07 12.38 5.40
CA ALA B 96 -0.71 12.90 4.27
C ALA B 96 0.16 13.81 3.40
N HIS B 97 0.18 13.56 2.10
CA HIS B 97 0.97 14.34 1.15
C HIS B 97 0.01 14.95 0.14
N PHE B 98 0.24 16.22 -0.21
CA PHE B 98 -0.62 16.93 -1.15
C PHE B 98 0.22 17.30 -2.36
N ASP B 99 -0.33 17.07 -3.56
CA ASP B 99 0.39 17.34 -4.80
C ASP B 99 0.42 18.82 -5.06
N ASP B 100 1.58 19.45 -4.89
CA ASP B 100 1.61 20.89 -5.10
C ASP B 100 1.58 21.32 -6.54
N ASP B 101 1.43 20.35 -7.46
CA ASP B 101 1.25 20.77 -8.84
C ASP B 101 -0.23 21.12 -9.05
N GLU B 102 -1.04 20.90 -8.00
CA GLU B 102 -2.45 21.29 -8.04
C GLU B 102 -2.45 22.70 -7.47
N THR B 103 -3.51 23.47 -7.74
CA THR B 103 -3.63 24.80 -7.15
C THR B 103 -4.56 24.62 -5.96
N TRP B 104 -4.04 24.83 -4.74
CA TRP B 104 -4.82 24.69 -3.52
C TRP B 104 -5.43 26.01 -3.14
N THR B 105 -6.69 25.97 -2.70
CA THR B 105 -7.39 27.19 -2.35
C THR B 105 -8.33 27.04 -1.17
N SER B 106 -8.82 28.18 -0.71
CA SER B 106 -9.79 28.21 0.38
C SER B 106 -11.16 28.46 -0.25
N SER B 107 -11.28 28.21 -1.55
CA SER B 107 -12.55 28.43 -2.24
C SER B 107 -12.90 27.28 -3.18
N SER B 108 -13.63 27.61 -4.24
CA SER B 108 -14.05 26.66 -5.26
C SER B 108 -13.03 26.56 -6.38
N LYS B 109 -12.10 27.49 -6.42
CA LYS B 109 -11.08 27.48 -7.46
C LYS B 109 -10.14 26.31 -7.16
N GLY B 110 -9.48 25.80 -8.20
CA GLY B 110 -8.58 24.68 -8.00
C GLY B 110 -9.22 23.66 -7.08
N TYR B 111 -8.43 23.10 -6.16
CA TYR B 111 -8.99 22.15 -5.22
C TYR B 111 -8.99 22.81 -3.85
N ASN B 112 -10.09 22.66 -3.14
CA ASN B 112 -10.23 23.24 -1.82
C ASN B 112 -9.37 22.38 -0.89
N LEU B 113 -8.37 22.99 -0.26
CA LEU B 113 -7.48 22.26 0.65
C LEU B 113 -8.22 21.60 1.79
N PHE B 114 -9.02 22.37 2.53
CA PHE B 114 -9.80 21.82 3.64
C PHE B 114 -10.56 20.54 3.26
N LEU B 115 -11.30 20.58 2.16
CA LEU B 115 -12.09 19.43 1.74
C LEU B 115 -11.22 18.22 1.39
N VAL B 116 -10.14 18.44 0.67
CA VAL B 116 -9.27 17.34 0.29
C VAL B 116 -8.58 16.80 1.53
N ALA B 117 -8.11 17.68 2.41
CA ALA B 117 -7.45 17.25 3.65
C ALA B 117 -8.40 16.44 4.53
N ALA B 118 -9.65 16.88 4.63
CA ALA B 118 -10.62 16.18 5.46
C ALA B 118 -10.79 14.75 4.95
N HIS B 119 -10.83 14.60 3.63
CA HIS B 119 -10.94 13.29 2.99
C HIS B 119 -9.68 12.47 3.28
N GLU B 120 -8.51 13.07 3.09
CA GLU B 120 -7.26 12.35 3.34
C GLU B 120 -7.14 11.93 4.79
N PHE B 121 -7.57 12.78 5.71
CA PHE B 121 -7.47 12.46 7.12
C PHE B 121 -8.41 11.29 7.41
N GLY B 122 -9.49 11.16 6.64
CA GLY B 122 -10.37 10.02 6.82
C GLY B 122 -9.53 8.76 6.60
N HIS B 123 -8.71 8.78 5.56
CA HIS B 123 -7.83 7.64 5.27
C HIS B 123 -6.80 7.48 6.42
N SER B 124 -6.23 8.59 6.86
CA SER B 124 -5.25 8.56 7.95
C SER B 124 -5.80 7.89 9.21
N LEU B 125 -7.11 7.99 9.41
CA LEU B 125 -7.73 7.42 10.61
C LEU B 125 -8.29 6.00 10.45
N GLY B 126 -8.23 5.46 9.24
CA GLY B 126 -8.69 4.09 9.02
C GLY B 126 -9.89 3.91 8.10
N LEU B 127 -10.35 4.97 7.45
CA LEU B 127 -11.51 4.83 6.54
C LEU B 127 -11.08 4.64 5.11
N ASP B 128 -11.72 3.70 4.43
CA ASP B 128 -11.43 3.45 3.03
C ASP B 128 -12.54 4.24 2.29
N HIS B 129 -12.64 4.05 0.99
CA HIS B 129 -13.66 4.75 0.23
C HIS B 129 -15.07 4.22 0.44
N SER B 130 -16.02 5.15 0.47
CA SER B 130 -17.42 4.84 0.63
C SER B 130 -18.03 4.68 -0.75
N LYS B 131 -19.17 4.00 -0.82
CA LYS B 131 -19.88 3.83 -2.08
C LYS B 131 -21.04 4.83 -2.16
N ASP B 132 -21.26 5.56 -1.07
CA ASP B 132 -22.34 6.55 -1.02
C ASP B 132 -21.83 7.83 -1.71
N PRO B 133 -22.39 8.17 -2.89
CA PRO B 133 -21.96 9.36 -3.63
C PRO B 133 -22.02 10.69 -2.87
N GLY B 134 -22.75 10.72 -1.75
CA GLY B 134 -22.83 11.94 -0.99
C GLY B 134 -21.85 11.99 0.19
N ALA B 135 -21.03 10.96 0.33
CA ALA B 135 -20.07 10.90 1.44
C ALA B 135 -18.76 11.64 1.19
N LEU B 136 -18.14 12.13 2.25
CA LEU B 136 -16.85 12.81 2.13
C LEU B 136 -15.84 11.75 1.63
N MET B 137 -15.99 10.51 2.10
CA MET B 137 -15.08 9.44 1.68
C MET B 137 -15.38 8.81 0.34
N PHE B 138 -16.24 9.44 -0.46
CA PHE B 138 -16.51 8.93 -1.80
C PHE B 138 -15.19 9.25 -2.55
N PRO B 139 -14.82 8.45 -3.56
CA PRO B 139 -13.58 8.70 -4.30
C PRO B 139 -13.51 9.90 -5.23
N ILE B 140 -14.65 10.48 -5.59
CA ILE B 140 -14.64 11.62 -6.51
C ILE B 140 -14.84 12.95 -5.81
N TYR B 141 -13.98 13.90 -6.14
CA TYR B 141 -14.03 15.24 -5.57
C TYR B 141 -15.13 16.10 -6.20
N THR B 142 -15.96 16.74 -5.39
CA THR B 142 -16.97 17.67 -5.88
C THR B 142 -16.99 18.78 -4.82
N TYR B 143 -17.32 20.00 -5.24
CA TYR B 143 -17.36 21.17 -4.36
C TYR B 143 -18.75 21.81 -4.34
N THR B 144 -19.34 21.93 -3.15
CA THR B 144 -20.70 22.49 -3.02
C THR B 144 -20.87 24.01 -3.23
N GLY B 145 -19.81 24.78 -3.01
CA GLY B 145 -19.91 26.21 -3.16
C GLY B 145 -20.43 26.88 -1.88
N LYS B 146 -20.79 26.07 -0.89
CA LYS B 146 -21.30 26.59 0.37
C LYS B 146 -20.16 26.90 1.34
N SER B 147 -20.37 27.88 2.22
CA SER B 147 -19.34 28.27 3.18
C SER B 147 -19.25 27.32 4.39
N HIS B 148 -20.27 26.51 4.59
CA HIS B 148 -20.29 25.56 5.71
C HIS B 148 -20.21 24.14 5.17
N PHE B 149 -19.61 23.26 5.97
CA PHE B 149 -19.48 21.86 5.63
C PHE B 149 -20.05 21.01 6.75
N MET B 150 -20.86 20.03 6.38
CA MET B 150 -21.48 19.13 7.34
C MET B 150 -21.06 17.70 7.01
N LEU B 151 -20.40 17.02 7.93
CA LEU B 151 -19.95 15.67 7.68
C LEU B 151 -21.17 14.78 7.41
N PRO B 152 -21.25 14.16 6.22
CA PRO B 152 -22.39 13.30 5.91
C PRO B 152 -22.53 12.17 6.92
N ASP B 153 -23.76 11.67 7.08
CA ASP B 153 -24.02 10.62 8.03
C ASP B 153 -23.21 9.35 7.77
N ASP B 154 -22.97 9.03 6.50
CA ASP B 154 -22.21 7.83 6.17
C ASP B 154 -20.81 7.87 6.76
N ASP B 155 -20.20 9.06 6.75
CA ASP B 155 -18.85 9.23 7.29
C ASP B 155 -18.88 9.25 8.82
N VAL B 156 -19.95 9.78 9.38
CA VAL B 156 -20.10 9.81 10.83
C VAL B 156 -20.17 8.35 11.29
N GLN B 157 -20.97 7.58 10.56
CA GLN B 157 -21.16 6.15 10.85
C GLN B 157 -19.84 5.40 10.78
N GLY B 158 -19.13 5.60 9.69
CA GLY B 158 -17.87 4.92 9.50
C GLY B 158 -16.86 5.23 10.56
N ILE B 159 -16.61 6.52 10.79
CA ILE B 159 -15.61 6.91 11.78
C ILE B 159 -16.00 6.46 13.17
N GLN B 160 -17.28 6.55 13.50
CA GLN B 160 -17.73 6.12 14.83
C GLN B 160 -17.69 4.60 15.01
N SER B 161 -17.73 3.85 13.92
CA SER B 161 -17.67 2.39 14.02
C SER B 161 -16.27 2.00 14.47
N LEU B 162 -15.33 2.92 14.29
CA LEU B 162 -13.96 2.64 14.67
C LEU B 162 -13.58 3.23 16.03
N TYR B 163 -14.04 4.45 16.30
CA TYR B 163 -13.67 5.13 17.54
C TYR B 163 -14.78 5.41 18.53
N GLY B 164 -16.01 5.11 18.14
CA GLY B 164 -17.12 5.39 19.02
C GLY B 164 -17.48 6.86 18.89
N PRO B 165 -18.60 7.29 19.48
CA PRO B 165 -19.06 8.68 19.43
C PRO B 165 -18.29 9.57 20.38
N GLY B 166 -18.38 10.88 20.16
CA GLY B 166 -17.70 11.80 21.04
C GLY B 166 -18.53 12.10 22.28
#